data_5LLN
#
_entry.id   5LLN
#
_cell.length_a   56.520
_cell.length_b   57.334
_cell.length_c   159.708
_cell.angle_alpha   90.000
_cell.angle_beta   90.000
_cell.angle_gamma   90.000
#
_symmetry.space_group_name_H-M   'P 21 21 21'
#
loop_
_entity.id
_entity.type
_entity.pdbx_description
1 polymer 'Carbonic anhydrase 13'
2 non-polymer 'ZINC ION'
3 non-polymer 'CITRIC ACID'
4 non-polymer 2,3,5,6-tetrafluoro-4-(propylsulfanyl)benzenesulfonamide
5 water water
#
_entity_poly.entity_id   1
_entity_poly.type   'polypeptide(L)'
_entity_poly.pdbx_seq_one_letter_code
;MMSRLSWGYREHNGPIHWKEFFPIADGDQQSPIEIKTKEVKYDSSLRPLSIKYDPSSAKIISNSGHSFNVDFDDTENKSV
LRGGPLTGSYRLRQVHLHWGSADDHGSEHIVDGVSYAAELHVVHWNSDKYPSFVEAAHEPDGLAVLGVFLQIGEPNSQLQ
KITDTLDSIKEKGKQTRFTNFDLLSLLPPSWDYWTYPGSLTVPPLLESVTWIVLKQPINISSQQLAKFRSLLCTAEGEAA
AFLVSNHRPPQPLKGRKVRASFH
;
_entity_poly.pdbx_strand_id   B,A
#
loop_
_chem_comp.id
_chem_comp.type
_chem_comp.name
_chem_comp.formula
3TV non-polymer 2,3,5,6-tetrafluoro-4-(propylsulfanyl)benzenesulfonamide 'C9 H9 F4 N O2 S2'
CIT non-polymer 'CITRIC ACID' 'C6 H8 O7'
ZN non-polymer 'ZINC ION' 'Zn 2'
#
# COMPACT_ATOMS: atom_id res chain seq x y z
N SER A 6 -19.46 28.02 -21.69
CA SER A 6 -18.64 26.81 -21.37
C SER A 6 -19.29 25.88 -20.33
N TRP A 7 -18.84 24.63 -20.31
CA TRP A 7 -19.51 23.62 -19.44
C TRP A 7 -19.37 23.91 -17.95
N GLY A 8 -20.36 23.48 -17.18
CA GLY A 8 -20.34 23.76 -15.76
C GLY A 8 -21.37 22.91 -15.05
N TYR A 9 -21.95 23.42 -13.97
CA TYR A 9 -23.00 22.67 -13.27
C TYR A 9 -24.24 23.47 -12.99
N ARG A 10 -24.34 24.61 -13.66
CA ARG A 10 -25.54 25.43 -13.57
C ARG A 10 -26.60 24.94 -14.54
N GLU A 11 -27.74 25.64 -14.59
CA GLU A 11 -28.87 25.12 -15.33
C GLU A 11 -28.58 24.93 -16.82
N HIS A 12 -27.93 25.97 -17.36
N HIS A 12 -28.02 25.94 -17.48
CA HIS A 12 -27.65 26.19 -18.77
CA HIS A 12 -27.86 25.82 -18.91
C HIS A 12 -26.44 25.45 -19.32
C HIS A 12 -26.60 25.05 -19.29
N ASN A 13 -25.58 25.00 -18.42
CA ASN A 13 -24.37 24.40 -18.86
C ASN A 13 -24.04 23.11 -18.12
N GLY A 14 -24.98 22.64 -17.35
CA GLY A 14 -24.71 21.47 -16.46
C GLY A 14 -24.88 20.12 -17.08
N PRO A 15 -24.64 19.09 -16.30
CA PRO A 15 -24.46 17.74 -16.83
C PRO A 15 -25.44 17.23 -17.89
N ILE A 16 -26.74 17.52 -17.74
CA ILE A 16 -27.72 17.09 -18.75
C ILE A 16 -27.43 17.70 -20.13
N HIS A 17 -26.70 18.81 -20.16
CA HIS A 17 -26.33 19.53 -21.40
C HIS A 17 -24.98 19.18 -21.93
N TRP A 18 -24.21 18.37 -21.20
CA TRP A 18 -22.85 18.13 -21.68
C TRP A 18 -22.75 17.44 -23.03
N LYS A 19 -23.68 16.54 -23.30
CA LYS A 19 -23.74 15.77 -24.54
C LYS A 19 -23.85 16.72 -25.71
N GLU A 20 -24.45 17.89 -25.48
CA GLU A 20 -24.54 18.87 -26.58
C GLU A 20 -23.17 19.21 -27.14
N PHE A 21 -22.13 19.15 -26.30
CA PHE A 21 -20.78 19.49 -26.74
C PHE A 21 -19.74 18.35 -26.70
N PHE A 22 -20.05 17.30 -25.93
CA PHE A 22 -19.21 16.13 -25.78
C PHE A 22 -20.12 14.92 -25.98
N PRO A 23 -20.29 14.46 -27.23
CA PRO A 23 -21.28 13.42 -27.47
C PRO A 23 -20.98 12.09 -26.71
N ILE A 24 -19.72 11.87 -26.38
CA ILE A 24 -19.38 10.64 -25.62
C ILE A 24 -20.06 10.65 -24.23
N ALA A 25 -20.58 11.80 -23.81
CA ALA A 25 -21.47 11.84 -22.63
C ALA A 25 -22.51 10.74 -22.64
N ASP A 26 -22.96 10.30 -23.84
CA ASP A 26 -23.93 9.18 -23.92
C ASP A 26 -23.32 7.84 -24.38
N GLY A 27 -22.04 7.67 -24.14
CA GLY A 27 -21.39 6.46 -24.52
C GLY A 27 -21.67 5.33 -23.57
N ASP A 28 -21.01 4.21 -23.83
CA ASP A 28 -21.30 3.01 -23.12
C ASP A 28 -20.41 2.75 -21.92
N GLN A 29 -19.44 3.61 -21.67
CA GLN A 29 -18.57 3.39 -20.47
C GLN A 29 -18.46 4.66 -19.65
N GLN A 30 -19.59 5.27 -19.38
CA GLN A 30 -19.58 6.61 -18.71
C GLN A 30 -19.64 6.43 -17.19
N SER A 31 -19.11 7.41 -16.50
CA SER A 31 -19.12 7.40 -15.02
C SER A 31 -19.71 8.69 -14.52
N PRO A 32 -20.20 8.75 -13.28
CA PRO A 32 -20.22 7.69 -12.29
C PRO A 32 -21.41 6.75 -12.54
N ILE A 33 -21.56 5.82 -11.61
CA ILE A 33 -22.63 4.77 -11.69
C ILE A 33 -23.27 4.56 -10.32
N GLU A 34 -24.44 3.88 -10.32
CA GLU A 34 -25.05 3.31 -9.15
C GLU A 34 -24.30 2.02 -8.93
N ILE A 35 -23.77 1.85 -7.73
CA ILE A 35 -23.22 0.62 -7.27
C ILE A 35 -24.27 -0.16 -6.47
N LYS A 36 -24.72 -1.27 -7.04
CA LYS A 36 -25.79 -2.12 -6.45
C LYS A 36 -25.05 -3.37 -5.93
N THR A 37 -24.87 -3.39 -4.61
CA THR A 37 -23.97 -4.37 -3.95
C THR A 37 -24.38 -5.82 -4.27
N LYS A 38 -25.67 -6.07 -4.46
CA LYS A 38 -26.16 -7.43 -4.74
C LYS A 38 -25.80 -7.86 -6.15
N GLU A 39 -25.48 -6.91 -7.01
CA GLU A 39 -25.14 -7.17 -8.39
C GLU A 39 -23.62 -7.22 -8.76
N VAL A 40 -22.80 -6.83 -7.79
CA VAL A 40 -21.38 -6.79 -7.95
C VAL A 40 -20.88 -8.22 -7.82
N LYS A 41 -19.90 -8.54 -8.64
CA LYS A 41 -19.27 -9.81 -8.59
C LYS A 41 -17.98 -9.77 -7.78
N TYR A 42 -17.91 -10.61 -6.76
CA TYR A 42 -16.62 -10.87 -6.09
C TYR A 42 -15.64 -11.45 -7.07
N ASP A 43 -14.39 -10.94 -7.11
CA ASP A 43 -13.44 -11.48 -8.03
C ASP A 43 -12.15 -11.76 -7.29
N SER A 44 -11.78 -13.03 -7.08
CA SER A 44 -10.60 -13.33 -6.29
C SER A 44 -9.29 -13.02 -7.03
N SER A 45 -9.31 -12.79 -8.35
CA SER A 45 -8.14 -12.43 -9.10
C SER A 45 -7.75 -10.95 -8.77
N LEU A 46 -8.68 -10.18 -8.17
CA LEU A 46 -8.36 -8.75 -7.79
C LEU A 46 -7.36 -8.71 -6.66
N ARG A 47 -6.44 -7.76 -6.70
CA ARG A 47 -5.41 -7.71 -5.67
C ARG A 47 -5.67 -6.59 -4.69
N PRO A 48 -5.16 -6.66 -3.47
CA PRO A 48 -5.18 -5.45 -2.60
C PRO A 48 -4.51 -4.27 -3.27
N LEU A 49 -4.93 -3.08 -2.89
CA LEU A 49 -4.25 -1.90 -3.44
C LEU A 49 -2.83 -1.84 -2.86
N SER A 50 -1.92 -1.40 -3.72
CA SER A 50 -0.53 -1.16 -3.39
C SER A 50 -0.26 0.36 -3.55
N ILE A 51 -0.14 1.00 -2.42
CA ILE A 51 -0.25 2.49 -2.43
C ILE A 51 1.00 3.12 -1.93
N LYS A 52 1.59 4.04 -2.70
CA LYS A 52 2.78 4.78 -2.27
C LYS A 52 2.58 6.25 -2.59
N TYR A 53 2.30 7.05 -1.54
CA TYR A 53 2.07 8.52 -1.80
C TYR A 53 3.05 9.28 -0.99
N ASP A 54 3.94 10.00 -1.71
CA ASP A 54 4.90 10.87 -1.06
C ASP A 54 4.30 12.25 -0.70
N PRO A 55 4.23 12.57 0.62
CA PRO A 55 3.61 13.85 1.04
C PRO A 55 4.31 15.07 0.39
N SER A 56 5.53 14.86 -0.14
CA SER A 56 6.21 16.05 -0.69
C SER A 56 5.82 16.19 -2.18
N SER A 57 5.04 15.22 -2.73
CA SER A 57 4.67 15.32 -4.10
C SER A 57 3.69 16.45 -4.36
N ALA A 58 2.82 16.76 -3.40
CA ALA A 58 1.79 17.79 -3.68
C ALA A 58 2.56 19.10 -3.79
N LYS A 59 2.12 19.92 -4.74
CA LYS A 59 2.84 21.21 -4.90
C LYS A 59 1.95 22.43 -4.90
N ILE A 60 0.74 22.32 -5.46
CA ILE A 60 -0.03 23.53 -5.78
C ILE A 60 -1.47 23.16 -5.56
N ILE A 61 -2.27 24.08 -5.03
CA ILE A 61 -3.74 23.90 -5.02
C ILE A 61 -4.35 25.04 -5.86
N SER A 62 -5.38 24.74 -6.66
CA SER A 62 -5.92 25.77 -7.59
C SER A 62 -7.41 25.57 -7.68
N ASN A 63 -8.08 26.66 -7.99
CA ASN A 63 -9.49 26.59 -8.33
C ASN A 63 -9.61 26.46 -9.88
N SER A 64 -10.04 25.29 -10.37
CA SER A 64 -10.29 25.12 -11.82
C SER A 64 -11.54 25.77 -12.33
N GLY A 65 -12.41 26.22 -11.43
CA GLY A 65 -13.77 26.60 -11.79
C GLY A 65 -14.74 25.46 -11.58
N HIS A 66 -14.24 24.24 -11.44
N HIS A 66 -14.26 24.20 -11.59
CA HIS A 66 -15.15 23.08 -11.40
CA HIS A 66 -15.16 23.01 -11.43
C HIS A 66 -14.92 22.24 -10.15
C HIS A 66 -14.93 22.24 -10.14
N SER A 67 -13.80 22.49 -9.48
CA SER A 67 -13.44 21.87 -8.19
C SER A 67 -12.22 22.59 -7.73
N PHE A 68 -11.60 22.19 -6.64
CA PHE A 68 -10.17 22.58 -6.39
C PHE A 68 -9.40 21.40 -6.97
N ASN A 69 -8.18 21.63 -7.40
CA ASN A 69 -7.28 20.53 -7.79
C ASN A 69 -6.01 20.71 -7.02
N VAL A 70 -5.60 19.65 -6.29
CA VAL A 70 -4.24 19.62 -5.76
C VAL A 70 -3.43 18.93 -6.85
N ASP A 71 -2.37 19.64 -7.30
CA ASP A 71 -1.49 19.09 -8.33
C ASP A 71 -0.21 18.58 -7.74
N PHE A 72 0.13 17.36 -8.15
CA PHE A 72 1.35 16.63 -7.70
C PHE A 72 2.38 16.71 -8.78
N ASP A 73 3.67 16.79 -8.35
CA ASP A 73 4.77 16.67 -9.29
C ASP A 73 4.79 15.22 -9.74
N ASP A 74 4.53 15.03 -11.00
CA ASP A 74 4.45 13.67 -11.59
C ASP A 74 5.68 13.47 -12.53
N THR A 75 6.79 14.12 -12.20
CA THR A 75 8.03 13.97 -12.99
C THR A 75 8.54 12.56 -13.01
N GLU A 76 8.44 11.86 -11.88
CA GLU A 76 8.87 10.46 -11.87
C GLU A 76 8.03 9.69 -10.90
N ASN A 77 8.43 8.51 -10.46
CA ASN A 77 7.51 7.61 -9.80
C ASN A 77 7.66 7.67 -8.31
N LYS A 78 7.65 8.85 -7.72
CA LYS A 78 7.66 8.93 -6.27
C LYS A 78 6.29 8.52 -5.65
N SER A 79 5.21 8.77 -6.38
CA SER A 79 3.83 8.46 -5.84
C SER A 79 3.13 7.67 -6.88
N VAL A 80 2.79 6.40 -6.59
CA VAL A 80 2.26 5.46 -7.56
C VAL A 80 1.24 4.53 -6.93
N LEU A 81 0.25 4.18 -7.71
CA LEU A 81 -0.75 3.19 -7.30
C LEU A 81 -0.55 1.97 -8.16
N ARG A 82 -0.43 0.80 -7.49
CA ARG A 82 -0.35 -0.47 -8.20
C ARG A 82 -1.29 -1.44 -7.54
N GLY A 83 -1.37 -2.66 -8.09
CA GLY A 83 -2.28 -3.64 -7.49
C GLY A 83 -3.71 -3.34 -7.85
N GLY A 84 -4.64 -3.81 -7.03
CA GLY A 84 -6.13 -3.65 -7.34
C GLY A 84 -6.32 -4.36 -8.64
N PRO A 85 -7.08 -3.74 -9.56
CA PRO A 85 -7.32 -4.35 -10.85
C PRO A 85 -6.27 -3.95 -11.90
N LEU A 86 -5.25 -3.19 -11.51
CA LEU A 86 -4.33 -2.59 -12.46
C LEU A 86 -3.18 -3.46 -12.93
N THR A 87 -2.84 -3.36 -14.19
CA THR A 87 -1.56 -3.91 -14.71
C THR A 87 -0.58 -2.75 -14.81
N GLY A 88 0.51 -2.90 -14.06
CA GLY A 88 1.50 -1.83 -14.20
C GLY A 88 1.30 -0.74 -13.15
N SER A 89 2.07 0.36 -13.27
CA SER A 89 2.17 1.36 -12.24
C SER A 89 1.52 2.66 -12.75
N TYR A 90 0.64 3.17 -11.90
CA TYR A 90 -0.07 4.43 -12.22
C TYR A 90 0.38 5.53 -11.36
N ARG A 91 0.87 6.60 -12.01
CA ARG A 91 1.51 7.69 -11.32
C ARG A 91 0.47 8.74 -10.88
N LEU A 92 0.58 9.15 -9.63
CA LEU A 92 -0.24 10.27 -9.08
C LEU A 92 -0.13 11.55 -9.81
N ARG A 93 -1.29 12.06 -10.24
CA ARG A 93 -1.36 13.37 -10.93
C ARG A 93 -2.12 14.48 -10.15
N GLN A 94 -3.27 14.15 -9.56
N GLN A 94 -3.36 14.25 -9.74
CA GLN A 94 -4.25 15.17 -9.29
CA GLN A 94 -4.12 15.35 -9.13
C GLN A 94 -5.12 14.65 -8.16
C GLN A 94 -5.18 14.73 -8.29
N VAL A 95 -5.57 15.53 -7.26
CA VAL A 95 -6.71 15.18 -6.35
C VAL A 95 -7.72 16.32 -6.45
N HIS A 96 -8.98 15.91 -6.41
CA HIS A 96 -10.00 16.91 -6.39
C HIS A 96 -11.24 16.36 -5.73
N LEU A 97 -12.28 17.18 -5.57
CA LEU A 97 -13.46 16.81 -4.72
C LEU A 97 -14.77 17.16 -5.43
N HIS A 98 -15.76 16.32 -5.24
CA HIS A 98 -17.12 16.66 -5.72
C HIS A 98 -18.03 16.71 -4.52
N TRP A 99 -19.00 17.60 -4.60
CA TRP A 99 -19.97 17.80 -3.51
C TRP A 99 -21.25 18.26 -4.07
N GLY A 100 -22.21 18.45 -3.16
CA GLY A 100 -23.55 19.03 -3.61
C GLY A 100 -23.91 20.17 -2.70
N SER A 101 -25.15 20.69 -2.96
CA SER A 101 -25.53 21.83 -2.15
C SER A 101 -26.01 21.48 -0.76
N ALA A 102 -26.33 20.23 -0.54
CA ALA A 102 -26.64 19.74 0.79
C ALA A 102 -25.79 18.54 1.13
N ASP A 103 -25.61 18.38 2.44
CA ASP A 103 -24.79 17.28 2.95
C ASP A 103 -25.43 15.94 2.61
N ASP A 104 -26.72 15.95 2.27
CA ASP A 104 -27.54 14.80 1.93
C ASP A 104 -27.14 14.07 0.70
N HIS A 105 -26.48 14.78 -0.23
CA HIS A 105 -26.42 14.33 -1.62
C HIS A 105 -25.34 15.04 -2.34
N GLY A 106 -24.11 14.53 -2.24
CA GLY A 106 -22.98 15.16 -2.87
C GLY A 106 -22.05 14.29 -3.66
N SER A 107 -22.11 12.98 -3.46
CA SER A 107 -21.14 12.13 -4.12
C SER A 107 -21.52 11.87 -5.58
N GLU A 108 -20.58 11.33 -6.33
CA GLU A 108 -20.87 10.96 -7.74
C GLU A 108 -21.32 9.52 -7.83
N HIS A 109 -20.50 8.59 -7.37
CA HIS A 109 -21.03 7.20 -7.17
C HIS A 109 -21.99 7.15 -6.02
N ILE A 110 -23.03 6.27 -6.16
CA ILE A 110 -24.14 6.15 -5.21
C ILE A 110 -24.22 4.65 -4.87
N VAL A 111 -24.30 4.29 -3.61
CA VAL A 111 -24.21 2.87 -3.23
C VAL A 111 -25.61 2.38 -2.72
N ASP A 112 -26.27 1.53 -3.51
CA ASP A 112 -27.61 1.06 -3.22
C ASP A 112 -28.46 2.26 -2.78
N GLY A 113 -28.35 3.38 -3.52
CA GLY A 113 -29.21 4.53 -3.30
C GLY A 113 -28.62 5.55 -2.33
N VAL A 114 -27.55 5.19 -1.60
CA VAL A 114 -26.93 6.09 -0.63
C VAL A 114 -25.92 7.02 -1.32
N SER A 115 -26.24 8.32 -1.34
CA SER A 115 -25.26 9.36 -1.80
C SER A 115 -24.55 9.87 -0.56
N TYR A 116 -23.25 10.02 -0.63
CA TYR A 116 -22.52 10.52 0.49
C TYR A 116 -22.37 12.03 0.38
N ALA A 117 -21.80 12.63 1.38
CA ALA A 117 -21.70 14.10 1.39
C ALA A 117 -20.78 14.67 0.36
N ALA A 118 -19.72 13.90 0.05
CA ALA A 118 -18.83 14.35 -1.01
C ALA A 118 -18.06 13.16 -1.50
N GLU A 119 -17.27 13.35 -2.56
CA GLU A 119 -16.43 12.26 -3.07
C GLU A 119 -15.10 12.82 -3.55
N LEU A 120 -14.06 12.24 -3.03
CA LEU A 120 -12.65 12.66 -3.41
C LEU A 120 -12.19 11.76 -4.54
N HIS A 121 -11.61 12.35 -5.58
CA HIS A 121 -11.03 11.56 -6.65
C HIS A 121 -9.55 11.78 -6.68
N VAL A 122 -8.83 10.66 -6.80
CA VAL A 122 -7.36 10.67 -6.89
C VAL A 122 -6.99 10.09 -8.24
N VAL A 123 -6.40 10.92 -9.11
CA VAL A 123 -6.22 10.59 -10.55
C VAL A 123 -4.80 10.19 -10.81
N HIS A 124 -4.66 9.03 -11.48
CA HIS A 124 -3.34 8.53 -11.80
C HIS A 124 -3.27 8.10 -13.21
N TRP A 125 -2.03 8.06 -13.74
CA TRP A 125 -1.82 7.67 -15.19
C TRP A 125 -0.80 6.60 -15.37
N ASN A 126 -0.99 5.80 -16.40
CA ASN A 126 -0.12 4.62 -16.68
C ASN A 126 1.20 5.05 -17.36
N SER A 127 2.19 5.16 -16.56
CA SER A 127 3.51 5.62 -17.06
C SER A 127 4.30 4.41 -17.55
N ASP A 128 3.81 3.20 -17.30
CA ASP A 128 4.47 2.01 -17.89
C ASP A 128 4.15 1.89 -19.39
N LYS A 129 3.06 2.49 -19.91
CA LYS A 129 2.67 2.28 -21.26
C LYS A 129 2.66 3.60 -21.96
N TYR A 130 2.52 4.73 -21.22
CA TYR A 130 2.34 6.04 -21.87
C TYR A 130 3.40 7.03 -21.36
N PRO A 131 3.80 8.00 -22.21
CA PRO A 131 4.85 8.88 -21.81
C PRO A 131 4.47 10.07 -20.99
N SER A 132 3.19 10.33 -20.91
CA SER A 132 2.68 11.53 -20.24
C SER A 132 1.23 11.24 -19.88
N PHE A 133 0.75 12.01 -18.92
CA PHE A 133 -0.67 12.07 -18.55
C PHE A 133 -1.52 12.37 -19.74
N VAL A 134 -1.10 13.38 -20.50
CA VAL A 134 -1.91 13.70 -21.68
C VAL A 134 -2.13 12.55 -22.68
N GLU A 135 -1.10 11.72 -22.93
CA GLU A 135 -1.25 10.61 -23.83
C GLU A 135 -2.07 9.49 -23.19
N ALA A 136 -1.88 9.34 -21.89
CA ALA A 136 -2.58 8.27 -21.20
C ALA A 136 -4.11 8.57 -21.12
N ALA A 137 -4.48 9.82 -21.13
CA ALA A 137 -5.89 10.21 -20.84
C ALA A 137 -6.86 9.79 -21.96
N HIS A 138 -6.30 9.43 -23.12
CA HIS A 138 -6.95 9.00 -24.36
C HIS A 138 -6.98 7.56 -24.62
N GLU A 139 -6.54 6.74 -23.67
CA GLU A 139 -6.54 5.33 -23.88
C GLU A 139 -7.27 4.56 -22.77
N PRO A 140 -7.90 3.44 -23.11
CA PRO A 140 -8.74 2.66 -22.16
C PRO A 140 -8.05 2.23 -20.88
N ASP A 141 -6.77 1.86 -20.99
CA ASP A 141 -5.95 1.53 -19.81
C ASP A 141 -5.08 2.69 -19.30
N GLY A 142 -5.39 3.92 -19.74
CA GLY A 142 -4.56 5.08 -19.42
C GLY A 142 -4.61 5.59 -18.00
N LEU A 143 -5.85 5.71 -17.48
CA LEU A 143 -6.03 6.40 -16.18
C LEU A 143 -6.55 5.46 -15.11
N ALA A 144 -6.26 5.73 -13.85
CA ALA A 144 -6.88 5.01 -12.74
C ALA A 144 -7.29 6.08 -11.78
N VAL A 145 -8.55 6.04 -11.32
CA VAL A 145 -9.02 7.03 -10.34
C VAL A 145 -9.51 6.27 -9.13
N LEU A 146 -8.99 6.69 -8.00
CA LEU A 146 -9.40 6.10 -6.70
C LEU A 146 -10.46 7.06 -6.16
N GLY A 147 -11.62 6.52 -5.91
CA GLY A 147 -12.80 7.32 -5.36
C GLY A 147 -12.95 7.04 -3.86
N VAL A 148 -13.02 8.09 -3.03
CA VAL A 148 -13.16 7.95 -1.62
C VAL A 148 -14.36 8.81 -1.17
N PHE A 149 -15.37 8.15 -0.59
CA PHE A 149 -16.52 8.89 -0.09
C PHE A 149 -16.15 9.68 1.13
N LEU A 150 -16.82 10.83 1.29
CA LEU A 150 -16.80 11.61 2.55
C LEU A 150 -18.21 11.65 3.14
N GLN A 151 -18.28 11.35 4.43
CA GLN A 151 -19.53 11.52 5.20
C GLN A 151 -19.25 12.58 6.30
N ILE A 152 -20.33 13.17 6.82
CA ILE A 152 -20.21 14.19 7.81
C ILE A 152 -19.86 13.48 9.12
N GLY A 153 -18.87 14.01 9.78
CA GLY A 153 -18.43 13.41 11.06
C GLY A 153 -17.42 14.34 11.71
N GLU A 154 -16.43 13.75 12.38
CA GLU A 154 -15.38 14.53 13.04
C GLU A 154 -14.64 15.37 12.00
N PRO A 155 -14.27 16.62 12.34
CA PRO A 155 -13.41 17.38 11.45
C PRO A 155 -12.16 16.54 11.12
N ASN A 156 -11.68 16.71 9.89
CA ASN A 156 -10.55 16.01 9.38
C ASN A 156 -9.34 16.94 9.37
N SER A 157 -8.35 16.56 10.18
CA SER A 157 -7.19 17.48 10.27
C SER A 157 -6.45 17.62 8.95
N GLN A 158 -6.37 16.59 8.08
N GLN A 158 -6.47 16.59 8.12
CA GLN A 158 -5.64 16.82 6.81
CA GLN A 158 -5.76 16.65 6.88
C GLN A 158 -6.50 17.65 5.86
C GLN A 158 -6.50 17.52 5.87
N LEU A 159 -7.83 17.48 5.94
CA LEU A 159 -8.66 18.26 5.04
C LEU A 159 -8.70 19.67 5.46
N GLN A 160 -8.48 19.95 6.78
CA GLN A 160 -8.38 21.34 7.25
C GLN A 160 -7.26 22.07 6.56
N LYS A 161 -6.17 21.38 6.23
CA LYS A 161 -5.10 22.05 5.47
C LYS A 161 -5.59 22.60 4.13
N ILE A 162 -6.45 21.84 3.49
CA ILE A 162 -7.06 22.24 2.24
C ILE A 162 -8.08 23.38 2.52
N THR A 163 -8.98 23.22 3.50
CA THR A 163 -10.03 24.30 3.68
C THR A 163 -9.39 25.62 4.05
N ASP A 164 -8.25 25.55 4.73
CA ASP A 164 -7.50 26.76 5.08
C ASP A 164 -7.04 27.54 3.89
N THR A 165 -6.90 26.91 2.72
CA THR A 165 -6.37 27.61 1.55
C THR A 165 -7.49 28.24 0.74
N LEU A 166 -8.73 27.89 1.07
CA LEU A 166 -9.78 28.19 0.13
C LEU A 166 -10.03 29.66 -0.08
N ASP A 167 -10.03 30.45 1.00
CA ASP A 167 -10.05 31.93 0.83
C ASP A 167 -9.11 32.44 -0.26
N SER A 168 -7.89 31.91 -0.29
CA SER A 168 -6.91 32.35 -1.28
C SER A 168 -7.12 31.90 -2.72
N ILE A 169 -7.97 30.88 -2.96
CA ILE A 169 -8.27 30.48 -4.31
C ILE A 169 -9.75 30.64 -4.71
N LYS A 170 -10.42 31.62 -4.07
CA LYS A 170 -11.85 31.78 -4.29
C LYS A 170 -12.18 31.94 -5.78
N GLU A 171 -11.40 32.75 -6.50
CA GLU A 171 -11.68 32.98 -7.91
C GLU A 171 -11.09 31.93 -8.81
N LYS A 172 -11.82 31.63 -9.86
CA LYS A 172 -11.41 30.69 -10.84
C LYS A 172 -10.03 31.08 -11.40
N GLY A 173 -9.13 30.12 -11.38
CA GLY A 173 -7.80 30.25 -11.96
C GLY A 173 -6.80 30.55 -10.87
N LYS A 174 -7.23 30.91 -9.69
CA LYS A 174 -6.27 31.23 -8.63
C LYS A 174 -5.59 29.97 -8.09
N GLN A 175 -4.32 30.08 -7.81
CA GLN A 175 -3.58 28.98 -7.19
C GLN A 175 -2.68 29.46 -6.04
N THR A 176 -2.35 28.54 -5.14
CA THR A 176 -1.39 28.79 -4.15
C THR A 176 -0.61 27.53 -3.83
N ARG A 177 0.62 27.72 -3.38
CA ARG A 177 1.50 26.60 -3.05
C ARG A 177 0.89 25.82 -1.95
N PHE A 178 1.08 24.49 -2.05
CA PHE A 178 0.48 23.55 -1.12
C PHE A 178 1.29 22.28 -1.15
N THR A 179 1.94 21.98 -0.03
CA THR A 179 2.75 20.71 -0.07
C THR A 179 2.62 20.06 1.26
N ASN A 180 3.34 18.94 1.41
CA ASN A 180 3.33 18.13 2.61
C ASN A 180 1.90 17.62 2.92
N PHE A 181 1.28 16.95 1.94
CA PHE A 181 -0.09 16.51 2.07
C PHE A 181 0.00 14.95 2.09
N ASP A 182 -0.30 14.41 3.27
CA ASP A 182 -0.07 12.97 3.51
C ASP A 182 -1.35 12.25 3.03
N LEU A 183 -1.43 12.10 1.72
CA LEU A 183 -2.60 11.45 1.12
C LEU A 183 -2.78 10.02 1.66
N LEU A 184 -1.67 9.36 1.94
CA LEU A 184 -1.76 7.96 2.34
C LEU A 184 -2.52 7.89 3.62
N SER A 185 -2.30 8.82 4.54
CA SER A 185 -2.93 8.72 5.85
C SER A 185 -4.38 9.20 5.82
N LEU A 186 -4.74 9.91 4.76
CA LEU A 186 -6.12 10.41 4.57
C LEU A 186 -7.09 9.27 4.24
N LEU A 187 -6.58 8.25 3.57
CA LEU A 187 -7.46 7.13 3.18
C LEU A 187 -8.04 6.41 4.40
N PRO A 188 -9.26 5.81 4.25
CA PRO A 188 -9.94 5.10 5.33
C PRO A 188 -9.11 3.87 5.79
N PRO A 189 -9.47 3.33 6.95
CA PRO A 189 -8.67 2.18 7.42
C PRO A 189 -8.82 0.95 6.48
N SER A 190 -10.02 0.73 5.89
CA SER A 190 -10.16 -0.39 4.99
C SER A 190 -9.99 0.11 3.56
N TRP A 191 -9.22 -0.65 2.76
CA TRP A 191 -9.12 -0.32 1.34
C TRP A 191 -9.85 -1.35 0.47
N ASP A 192 -10.89 -1.97 1.02
CA ASP A 192 -11.72 -2.83 0.16
C ASP A 192 -12.45 -1.93 -0.87
N TYR A 193 -12.62 -2.44 -2.08
CA TYR A 193 -13.08 -1.55 -3.15
C TYR A 193 -13.94 -2.26 -4.18
N TRP A 194 -14.69 -1.47 -4.95
CA TRP A 194 -15.33 -1.92 -6.19
C TRP A 194 -14.62 -1.37 -7.35
N THR A 195 -14.67 -2.05 -8.51
CA THR A 195 -13.99 -1.52 -9.71
C THR A 195 -14.77 -1.83 -10.94
N TYR A 196 -14.65 -0.93 -11.88
CA TYR A 196 -15.31 -1.09 -13.17
C TYR A 196 -14.68 -0.16 -14.16
N PRO A 197 -14.82 -0.45 -15.46
CA PRO A 197 -14.29 0.44 -16.46
C PRO A 197 -15.20 1.60 -16.74
N GLY A 198 -14.62 2.80 -16.76
CA GLY A 198 -15.47 3.97 -17.00
C GLY A 198 -14.72 5.16 -17.57
N SER A 199 -15.21 6.34 -17.18
CA SER A 199 -14.79 7.55 -17.81
C SER A 199 -14.43 8.64 -16.81
N LEU A 200 -13.78 9.69 -17.32
CA LEU A 200 -13.77 10.91 -16.54
C LEU A 200 -15.24 11.37 -16.26
N THR A 201 -15.47 11.97 -15.10
CA THR A 201 -16.79 12.52 -14.80
C THR A 201 -16.98 13.96 -15.16
N VAL A 202 -15.99 14.56 -15.84
CA VAL A 202 -16.15 15.94 -16.31
C VAL A 202 -15.77 15.88 -17.78
N PRO A 203 -16.30 16.78 -18.59
CA PRO A 203 -15.72 16.95 -19.90
C PRO A 203 -14.18 17.02 -19.88
N PRO A 204 -13.55 16.32 -20.87
CA PRO A 204 -14.09 15.74 -22.09
C PRO A 204 -14.73 14.35 -21.97
N LEU A 205 -14.86 13.82 -20.72
CA LEU A 205 -15.67 12.57 -20.48
C LEU A 205 -15.00 11.32 -21.14
N LEU A 206 -13.66 11.36 -21.23
CA LEU A 206 -13.01 10.28 -22.01
C LEU A 206 -13.14 8.94 -21.29
N GLU A 207 -13.37 7.88 -22.07
CA GLU A 207 -13.53 6.51 -21.56
C GLU A 207 -12.20 5.80 -21.35
N SER A 208 -11.48 6.36 -20.42
CA SER A 208 -10.05 6.03 -20.19
C SER A 208 -9.72 5.58 -18.79
N VAL A 209 -10.80 5.39 -17.98
CA VAL A 209 -10.57 5.29 -16.51
C VAL A 209 -10.93 3.90 -15.96
N THR A 210 -9.97 3.31 -15.25
CA THR A 210 -10.28 2.17 -14.38
C THR A 210 -10.63 2.75 -13.01
N TRP A 211 -11.91 2.63 -12.66
CA TRP A 211 -12.35 3.17 -11.41
C TRP A 211 -12.09 2.13 -10.28
N ILE A 212 -11.60 2.68 -9.18
CA ILE A 212 -11.45 1.95 -7.91
C ILE A 212 -12.18 2.77 -6.85
N VAL A 213 -13.34 2.31 -6.38
CA VAL A 213 -14.15 3.10 -5.43
C VAL A 213 -14.07 2.36 -4.10
N LEU A 214 -13.50 3.04 -3.11
CA LEU A 214 -13.39 2.45 -1.75
C LEU A 214 -14.77 2.41 -1.08
N LYS A 215 -15.06 1.25 -0.45
CA LYS A 215 -16.32 1.10 0.26
C LYS A 215 -16.42 2.00 1.47
N GLN A 216 -15.35 2.16 2.24
CA GLN A 216 -15.44 2.89 3.52
C GLN A 216 -15.22 4.41 3.40
N PRO A 217 -16.19 5.19 3.86
N PRO A 217 -16.19 5.22 3.87
CA PRO A 217 -16.00 6.67 3.79
CA PRO A 217 -15.96 6.67 3.71
C PRO A 217 -14.98 7.15 4.79
C PRO A 217 -15.03 7.18 4.79
N ILE A 218 -14.47 8.36 4.51
CA ILE A 218 -13.78 9.11 5.54
C ILE A 218 -14.67 10.25 6.01
N ASN A 219 -14.41 10.83 7.16
N ASN A 219 -14.01 11.05 6.89
CA ASN A 219 -15.28 11.92 7.65
CA ASN A 219 -14.54 12.02 7.96
C ASN A 219 -14.69 13.33 7.22
C ASN A 219 -14.49 13.61 7.76
N ILE A 220 -15.60 14.26 7.31
CA ILE A 220 -15.37 15.72 7.16
C ILE A 220 -16.44 16.43 8.04
N SER A 221 -16.16 17.62 8.59
CA SER A 221 -17.27 18.29 9.34
C SER A 221 -18.11 19.02 8.35
N SER A 222 -19.37 19.31 8.82
CA SER A 222 -20.21 20.06 7.91
C SER A 222 -19.62 21.43 7.65
N GLN A 223 -18.97 22.03 8.66
CA GLN A 223 -18.33 23.33 8.44
C GLN A 223 -17.18 23.34 7.40
N GLN A 224 -16.36 22.30 7.44
CA GLN A 224 -15.28 22.15 6.50
C GLN A 224 -15.87 21.96 5.10
N LEU A 225 -16.88 21.08 4.98
CA LEU A 225 -17.43 20.79 3.65
C LEU A 225 -18.03 22.11 3.08
N ALA A 226 -18.71 22.87 3.96
CA ALA A 226 -19.44 24.02 3.38
C ALA A 226 -18.45 25.05 2.85
N LYS A 227 -17.19 25.04 3.27
CA LYS A 227 -16.25 26.05 2.76
C LYS A 227 -15.97 25.85 1.28
N PHE A 228 -16.10 24.61 0.79
CA PHE A 228 -15.91 24.36 -0.62
C PHE A 228 -16.93 25.07 -1.50
N ARG A 229 -18.15 25.25 -1.01
CA ARG A 229 -19.26 25.84 -1.82
C ARG A 229 -19.06 27.29 -2.04
N SER A 230 -18.09 27.87 -1.33
CA SER A 230 -17.76 29.30 -1.46
C SER A 230 -16.76 29.54 -2.57
N LEU A 231 -16.16 28.49 -3.17
CA LEU A 231 -15.43 28.74 -4.42
C LEU A 231 -16.30 29.28 -5.51
N LEU A 232 -15.74 30.13 -6.35
CA LEU A 232 -16.46 30.61 -7.52
C LEU A 232 -16.22 29.77 -8.75
N CYS A 233 -17.19 29.72 -9.64
CA CYS A 233 -17.02 28.98 -10.86
C CYS A 233 -16.72 29.97 -11.98
N THR A 234 -16.55 31.20 -11.53
CA THR A 234 -16.31 32.36 -12.40
C THR A 234 -14.93 32.99 -12.07
N ALA A 235 -14.26 33.48 -13.11
CA ALA A 235 -12.91 34.11 -12.95
C ALA A 235 -13.05 35.56 -12.49
N GLU A 236 -11.98 36.11 -11.90
CA GLU A 236 -11.94 37.52 -11.44
C GLU A 236 -12.42 38.40 -12.64
N GLY A 237 -13.38 39.33 -12.41
CA GLY A 237 -13.89 40.25 -13.43
C GLY A 237 -15.05 39.88 -14.39
N GLU A 238 -16.04 39.15 -13.89
CA GLU A 238 -17.10 38.29 -14.54
C GLU A 238 -18.17 38.13 -13.48
N ALA A 239 -19.43 37.99 -13.87
CA ALA A 239 -20.51 37.90 -12.87
C ALA A 239 -20.27 36.69 -11.91
N ALA A 240 -20.10 36.97 -10.61
CA ALA A 240 -19.86 35.94 -9.58
C ALA A 240 -21.00 34.90 -9.53
N ALA A 241 -20.59 33.64 -9.52
CA ALA A 241 -21.53 32.54 -9.27
C ALA A 241 -20.73 31.54 -8.46
N PHE A 242 -21.42 30.90 -7.52
CA PHE A 242 -20.74 29.98 -6.64
C PHE A 242 -20.86 28.53 -7.06
N LEU A 243 -19.75 27.84 -6.73
CA LEU A 243 -19.74 26.37 -7.07
C LEU A 243 -20.38 25.58 -5.94
N VAL A 244 -21.73 25.73 -5.81
N VAL A 244 -21.71 25.68 -5.85
CA VAL A 244 -22.45 25.08 -4.70
CA VAL A 244 -22.34 25.07 -4.71
C VAL A 244 -22.56 23.57 -4.88
C VAL A 244 -22.60 23.57 -4.89
N SER A 245 -22.46 23.08 -6.12
CA SER A 245 -22.62 21.65 -6.38
C SER A 245 -21.87 21.33 -7.65
N ASN A 246 -21.13 20.19 -7.63
CA ASN A 246 -20.33 19.88 -8.83
C ASN A 246 -20.18 18.38 -8.97
N HIS A 247 -21.29 17.69 -8.85
CA HIS A 247 -21.31 16.22 -9.06
C HIS A 247 -22.14 15.87 -10.26
N ARG A 248 -21.66 14.90 -11.03
CA ARG A 248 -22.43 14.44 -12.22
C ARG A 248 -23.37 13.30 -11.80
N PRO A 249 -24.59 13.26 -12.39
CA PRO A 249 -25.49 12.13 -12.06
C PRO A 249 -24.97 10.80 -12.49
N PRO A 250 -25.43 9.69 -11.86
CA PRO A 250 -25.08 8.36 -12.35
C PRO A 250 -25.53 8.12 -13.81
N GLN A 251 -24.75 7.27 -14.50
CA GLN A 251 -24.88 7.04 -15.92
C GLN A 251 -25.20 5.57 -16.10
N PRO A 252 -25.83 5.23 -17.25
CA PRO A 252 -26.22 3.83 -17.36
C PRO A 252 -25.01 2.83 -17.41
N LEU A 253 -25.19 1.69 -16.79
CA LEU A 253 -24.11 0.72 -16.64
C LEU A 253 -23.84 -0.03 -17.96
N LYS A 254 -24.91 -0.28 -18.73
CA LYS A 254 -24.76 -0.76 -20.12
C LYS A 254 -23.91 -2.05 -20.18
N GLY A 255 -24.22 -2.93 -19.27
CA GLY A 255 -23.66 -4.30 -19.34
C GLY A 255 -22.24 -4.46 -18.79
N ARG A 256 -21.69 -3.38 -18.22
CA ARG A 256 -20.40 -3.48 -17.62
C ARG A 256 -20.46 -4.31 -16.31
N LYS A 257 -19.38 -5.01 -16.00
CA LYS A 257 -19.25 -5.80 -14.76
C LYS A 257 -18.62 -4.89 -13.68
N VAL A 258 -19.31 -4.75 -12.56
CA VAL A 258 -18.72 -4.11 -11.39
C VAL A 258 -18.24 -5.26 -10.49
N ARG A 259 -16.96 -5.26 -10.09
CA ARG A 259 -16.32 -6.36 -9.31
C ARG A 259 -16.00 -5.85 -7.92
N ALA A 260 -16.01 -6.75 -6.95
CA ALA A 260 -15.65 -6.39 -5.57
C ALA A 260 -14.38 -7.09 -5.21
N SER A 261 -13.53 -6.42 -4.44
CA SER A 261 -12.28 -7.05 -4.01
C SER A 261 -12.46 -7.84 -2.72
N PHE A 262 -13.70 -7.91 -2.22
CA PHE A 262 -14.02 -8.37 -0.89
C PHE A 262 -15.39 -9.09 -1.01
N HIS A 263 -15.61 -10.05 -0.09
CA HIS A 263 -16.94 -10.67 0.11
C HIS A 263 -17.19 -10.99 1.57
N LEU B 5 23.80 -14.41 24.71
CA LEU B 5 24.48 -15.68 24.34
C LEU B 5 25.40 -15.50 23.10
N SER B 6 25.90 -16.61 22.60
CA SER B 6 26.79 -16.54 21.48
C SER B 6 26.29 -17.46 20.41
N TRP B 7 24.98 -17.63 20.29
CA TRP B 7 24.45 -18.42 19.20
C TRP B 7 24.78 -17.73 17.87
N GLY B 8 24.82 -18.53 16.82
CA GLY B 8 25.09 -17.96 15.48
C GLY B 8 24.87 -19.01 14.44
N TYR B 9 25.68 -19.02 13.37
CA TYR B 9 25.48 -19.92 12.30
C TYR B 9 26.74 -20.65 11.92
N ARG B 10 27.72 -20.58 12.82
CA ARG B 10 28.98 -21.25 12.58
C ARG B 10 28.90 -22.68 13.09
N GLU B 11 29.99 -23.45 12.90
CA GLU B 11 29.94 -24.87 13.28
C GLU B 11 29.48 -25.17 14.74
N HIS B 12 30.09 -24.55 15.74
N HIS B 12 30.11 -24.42 15.63
CA HIS B 12 29.74 -24.91 17.11
CA HIS B 12 30.06 -24.54 17.08
C HIS B 12 28.53 -24.18 17.63
C HIS B 12 28.87 -23.88 17.73
N ASN B 13 28.14 -23.08 16.95
CA ASN B 13 27.06 -22.24 17.54
C ASN B 13 25.79 -22.17 16.68
N GLY B 14 25.81 -22.94 15.62
CA GLY B 14 24.76 -22.84 14.58
C GLY B 14 23.49 -23.58 14.98
N PRO B 15 22.51 -23.57 14.11
CA PRO B 15 21.13 -24.06 14.29
C PRO B 15 21.02 -25.41 15.03
N ILE B 16 21.92 -26.38 14.70
CA ILE B 16 21.83 -27.72 15.28
C ILE B 16 22.10 -27.64 16.80
N HIS B 17 22.81 -26.61 17.21
CA HIS B 17 23.10 -26.42 18.61
C HIS B 17 22.18 -25.55 19.42
N TRP B 18 21.25 -24.84 18.76
CA TRP B 18 20.47 -23.88 19.50
C TRP B 18 19.68 -24.50 20.61
N LYS B 19 19.19 -25.71 20.37
CA LYS B 19 18.38 -26.50 21.35
C LYS B 19 19.15 -26.67 22.69
N GLU B 20 20.51 -26.60 22.71
CA GLU B 20 21.29 -26.62 23.98
C GLU B 20 21.00 -25.50 24.93
N PHE B 21 20.73 -24.33 24.42
CA PHE B 21 20.28 -23.27 25.23
C PHE B 21 18.83 -22.80 25.03
N PHE B 22 18.15 -23.24 23.97
CA PHE B 22 16.79 -22.77 23.70
C PHE B 22 15.97 -24.01 23.37
N PRO B 23 15.56 -24.81 24.40
CA PRO B 23 14.96 -26.11 24.02
C PRO B 23 13.64 -26.02 23.28
N ILE B 24 13.02 -24.83 23.23
CA ILE B 24 11.79 -24.58 22.43
C ILE B 24 12.16 -24.78 20.93
N ALA B 25 13.46 -24.86 20.62
CA ALA B 25 13.91 -25.20 19.23
C ALA B 25 13.29 -26.47 18.72
N ASP B 26 13.02 -27.45 19.62
CA ASP B 26 12.35 -28.71 19.25
C ASP B 26 10.91 -28.74 19.64
N GLY B 27 10.30 -27.56 19.76
CA GLY B 27 8.88 -27.37 20.02
C GLY B 27 7.94 -27.80 18.90
N ASP B 28 6.66 -27.54 19.16
CA ASP B 28 5.61 -27.93 18.32
C ASP B 28 5.21 -26.94 17.30
N GLN B 29 5.68 -25.68 17.45
CA GLN B 29 5.28 -24.62 16.49
C GLN B 29 6.48 -23.84 16.05
N GLN B 30 7.52 -24.51 15.61
CA GLN B 30 8.75 -23.86 15.20
C GLN B 30 8.68 -23.58 13.71
N SER B 31 9.44 -22.57 13.33
CA SER B 31 9.62 -22.13 11.92
C SER B 31 11.13 -22.05 11.59
N PRO B 32 11.43 -22.12 10.27
CA PRO B 32 10.54 -22.17 9.16
C PRO B 32 10.10 -23.64 8.94
N ILE B 33 9.30 -23.85 7.93
CA ILE B 33 8.70 -25.16 7.59
C ILE B 33 8.85 -25.38 6.12
N GLU B 34 8.61 -26.65 5.78
CA GLU B 34 8.35 -27.01 4.38
C GLU B 34 6.87 -26.89 4.11
N ILE B 35 6.49 -26.23 3.02
CA ILE B 35 5.10 -26.10 2.63
C ILE B 35 4.81 -27.15 1.52
N LYS B 36 3.99 -28.14 1.86
CA LYS B 36 3.56 -29.23 0.93
C LYS B 36 2.22 -28.76 0.36
N THR B 37 2.28 -28.22 -0.86
CA THR B 37 1.00 -27.62 -1.40
C THR B 37 -0.21 -28.54 -1.63
N LYS B 38 0.01 -29.84 -1.82
CA LYS B 38 -1.13 -30.74 -1.93
C LYS B 38 -1.93 -30.86 -0.65
N GLU B 39 -1.30 -30.52 0.47
CA GLU B 39 -1.88 -30.55 1.80
C GLU B 39 -2.47 -29.18 2.22
N VAL B 40 -2.26 -28.13 1.42
CA VAL B 40 -2.71 -26.84 1.88
C VAL B 40 -4.13 -26.65 1.43
N LYS B 41 -4.97 -26.10 2.29
CA LYS B 41 -6.33 -25.78 1.93
C LYS B 41 -6.54 -24.31 1.79
N TYR B 42 -7.18 -23.89 0.71
CA TYR B 42 -7.68 -22.51 0.55
C TYR B 42 -8.66 -22.21 1.67
N ASP B 43 -8.49 -21.07 2.30
CA ASP B 43 -9.41 -20.62 3.31
C ASP B 43 -10.09 -19.34 2.83
N SER B 44 -11.33 -19.45 2.32
CA SER B 44 -12.14 -18.27 1.89
C SER B 44 -12.45 -17.30 3.04
N SER B 45 -12.27 -17.71 4.30
CA SER B 45 -12.45 -16.79 5.44
C SER B 45 -11.34 -15.74 5.67
N LEU B 46 -10.15 -16.01 5.13
CA LEU B 46 -9.10 -14.98 5.21
C LEU B 46 -9.58 -13.69 4.54
N ARG B 47 -9.39 -12.57 5.21
CA ARG B 47 -9.80 -11.28 4.67
C ARG B 47 -8.68 -10.69 3.88
N PRO B 48 -8.95 -9.71 3.01
CA PRO B 48 -7.86 -9.18 2.21
C PRO B 48 -6.76 -8.74 3.14
N LEU B 49 -5.55 -8.90 2.68
CA LEU B 49 -4.39 -8.33 3.34
C LEU B 49 -4.30 -6.82 3.03
N SER B 50 -3.92 -6.03 4.01
CA SER B 50 -3.83 -4.57 3.90
C SER B 50 -2.42 -4.18 4.34
N ILE B 51 -1.67 -3.56 3.42
CA ILE B 51 -0.32 -3.10 3.76
C ILE B 51 -0.25 -1.59 3.58
N LYS B 52 -0.17 -0.88 4.68
CA LYS B 52 -0.01 0.56 4.63
C LYS B 52 1.38 0.88 5.16
N TYR B 53 2.33 1.28 4.28
N TYR B 53 2.24 1.35 4.23
CA TYR B 53 3.72 1.56 4.76
CA TYR B 53 3.66 1.52 4.51
C TYR B 53 4.20 2.91 4.33
C TYR B 53 4.04 3.00 4.34
N ASP B 54 4.76 3.61 5.30
CA ASP B 54 5.19 5.01 5.06
C ASP B 54 6.73 4.93 5.05
N PRO B 55 7.39 5.38 4.00
CA PRO B 55 8.87 5.39 3.92
C PRO B 55 9.56 6.13 5.01
N SER B 56 8.91 7.14 5.58
CA SER B 56 9.52 7.88 6.66
C SER B 56 9.59 7.11 7.98
N SER B 57 8.93 5.95 8.06
CA SER B 57 8.94 5.16 9.29
C SER B 57 10.29 4.52 9.54
N ALA B 58 11.03 4.32 8.45
CA ALA B 58 12.36 3.68 8.60
C ALA B 58 13.31 4.62 9.33
N LYS B 59 14.02 4.12 10.32
CA LYS B 59 15.02 4.94 11.05
C LYS B 59 16.47 4.62 10.84
N ILE B 60 16.85 3.35 11.03
CA ILE B 60 18.28 3.01 11.08
C ILE B 60 18.45 1.68 10.41
N ILE B 61 19.65 1.40 9.92
CA ILE B 61 20.01 0.02 9.53
C ILE B 61 21.23 -0.35 10.31
N SER B 62 21.27 -1.59 10.78
CA SER B 62 22.42 -2.05 11.58
C SER B 62 22.77 -3.45 11.28
N ASN B 63 23.99 -3.80 11.69
CA ASN B 63 24.45 -5.20 11.54
C ASN B 63 24.28 -5.81 12.93
N SER B 64 23.36 -6.75 13.08
CA SER B 64 23.11 -7.32 14.40
C SER B 64 24.07 -8.47 14.66
N GLY B 65 24.91 -8.79 13.67
CA GLY B 65 25.81 -9.98 13.73
C GLY B 65 25.14 -11.20 13.13
N HIS B 66 23.83 -11.14 12.90
CA HIS B 66 23.06 -12.26 12.36
C HIS B 66 22.38 -11.91 11.03
N SER B 67 22.28 -10.62 10.70
CA SER B 67 21.72 -10.17 9.42
C SER B 67 21.91 -8.65 9.48
N PHE B 68 21.47 -7.97 8.42
CA PHE B 68 21.26 -6.53 8.59
C PHE B 68 19.80 -6.42 9.18
N ASN B 69 19.55 -5.32 9.91
CA ASN B 69 18.17 -5.05 10.50
C ASN B 69 17.89 -3.63 10.11
N VAL B 70 16.80 -3.41 9.37
CA VAL B 70 16.30 -2.03 9.22
C VAL B 70 15.23 -1.87 10.28
N ASP B 71 15.34 -0.86 11.14
CA ASP B 71 14.42 -0.68 12.31
C ASP B 71 13.53 0.50 11.99
N PHE B 72 12.28 0.39 12.39
CA PHE B 72 11.25 1.37 12.07
C PHE B 72 10.70 1.89 13.35
N ASP B 73 9.99 3.02 13.23
CA ASP B 73 9.41 3.62 14.41
C ASP B 73 8.49 2.72 15.39
N ASP B 74 8.72 2.82 16.68
CA ASP B 74 8.13 1.84 17.64
C ASP B 74 6.75 2.26 18.07
N THR B 75 6.43 3.56 17.99
CA THR B 75 5.23 4.03 18.71
C THR B 75 4.14 4.72 17.81
N GLU B 76 4.22 4.63 16.50
CA GLU B 76 3.23 5.16 15.63
C GLU B 76 2.56 4.11 14.72
N ASN B 77 1.34 4.36 14.22
CA ASN B 77 0.66 3.48 13.29
C ASN B 77 0.67 3.94 11.81
N LYS B 78 1.76 4.61 11.44
CA LYS B 78 1.93 5.01 10.05
C LYS B 78 2.18 3.81 9.08
N SER B 79 2.81 2.77 9.63
CA SER B 79 3.16 1.60 8.87
C SER B 79 2.68 0.36 9.60
N VAL B 80 1.63 -0.18 9.06
CA VAL B 80 0.91 -1.30 9.69
C VAL B 80 0.46 -2.35 8.70
N LEU B 81 0.32 -3.56 9.21
CA LEU B 81 -0.17 -4.67 8.47
C LEU B 81 -1.44 -5.12 9.12
N ARG B 82 -2.48 -5.28 8.29
CA ARG B 82 -3.82 -5.64 8.77
C ARG B 82 -4.39 -6.66 7.84
N GLY B 83 -5.44 -7.33 8.30
CA GLY B 83 -6.16 -8.23 7.42
C GLY B 83 -5.54 -9.60 7.28
N GLY B 84 -5.84 -10.28 6.17
CA GLY B 84 -5.46 -11.66 6.07
C GLY B 84 -5.95 -12.53 7.26
N PRO B 85 -5.03 -13.23 7.95
CA PRO B 85 -5.35 -14.05 9.10
C PRO B 85 -5.36 -13.27 10.42
N LEU B 86 -5.02 -11.97 10.35
CA LEU B 86 -4.78 -11.25 11.57
C LEU B 86 -5.98 -10.52 12.13
N THR B 87 -6.02 -10.45 13.45
CA THR B 87 -7.06 -9.63 14.15
C THR B 87 -6.34 -8.36 14.69
N GLY B 88 -6.80 -7.18 14.26
CA GLY B 88 -6.20 -5.96 14.77
C GLY B 88 -5.02 -5.54 13.92
N SER B 89 -4.33 -4.53 14.40
CA SER B 89 -3.32 -3.82 13.66
C SER B 89 -1.92 -4.20 14.18
N TYR B 90 -1.10 -4.65 13.23
CA TYR B 90 0.29 -5.06 13.56
C TYR B 90 1.27 -4.06 13.06
N ARG B 91 2.04 -3.50 13.94
CA ARG B 91 2.89 -2.33 13.67
C ARG B 91 4.22 -2.82 13.09
N LEU B 92 4.60 -2.23 11.96
CA LEU B 92 5.95 -2.63 11.37
C LEU B 92 7.11 -2.27 12.28
N ARG B 93 8.01 -3.24 12.51
CA ARG B 93 9.13 -3.16 13.43
C ARG B 93 10.49 -3.26 12.77
N GLN B 94 10.67 -4.29 11.95
N GLN B 94 10.70 -4.26 11.93
CA GLN B 94 11.99 -4.70 11.45
CA GLN B 94 12.07 -4.55 11.49
C GLN B 94 11.91 -5.30 10.05
C GLN B 94 12.01 -5.33 10.17
N VAL B 95 13.00 -5.10 9.29
CA VAL B 95 13.17 -5.91 8.06
C VAL B 95 14.56 -6.48 8.14
N HIS B 96 14.69 -7.77 7.79
CA HIS B 96 16.04 -8.40 7.68
C HIS B 96 15.99 -9.48 6.60
N LEU B 97 17.14 -10.12 6.37
CA LEU B 97 17.28 -11.06 5.22
C LEU B 97 18.05 -12.28 5.64
N HIS B 98 17.70 -13.43 5.06
CA HIS B 98 18.49 -14.69 5.27
C HIS B 98 18.91 -15.16 3.91
N TRP B 99 20.09 -15.73 3.91
CA TRP B 99 20.71 -16.26 2.71
C TRP B 99 21.55 -17.47 3.10
N GLY B 100 22.08 -18.16 2.08
CA GLY B 100 23.06 -19.28 2.24
C GLY B 100 24.41 -18.98 1.68
N SER B 101 25.35 -19.92 1.83
CA SER B 101 26.70 -19.66 1.36
C SER B 101 26.81 -19.74 -0.12
N ALA B 102 25.82 -20.29 -0.79
CA ALA B 102 25.82 -20.23 -2.24
C ALA B 102 24.40 -20.03 -2.76
N ASP B 103 24.29 -19.66 -4.02
CA ASP B 103 23.00 -19.26 -4.54
C ASP B 103 21.89 -20.30 -4.65
N ASP B 104 22.25 -21.60 -4.59
CA ASP B 104 21.24 -22.63 -4.85
C ASP B 104 20.31 -22.83 -3.71
N HIS B 105 20.64 -22.34 -2.52
CA HIS B 105 19.70 -22.46 -1.40
C HIS B 105 20.04 -21.45 -0.36
N GLY B 106 19.06 -21.12 0.47
CA GLY B 106 19.34 -20.02 1.33
C GLY B 106 18.09 -19.50 1.96
N SER B 107 16.99 -19.80 1.36
CA SER B 107 15.69 -19.41 1.97
C SER B 107 15.43 -20.25 3.22
N GLU B 108 14.54 -19.75 4.07
CA GLU B 108 14.21 -20.46 5.28
C GLU B 108 13.07 -21.38 4.98
N HIS B 109 11.96 -20.88 4.47
CA HIS B 109 10.87 -21.74 4.00
C HIS B 109 11.22 -22.39 2.68
N ILE B 110 10.71 -23.61 2.47
CA ILE B 110 11.01 -24.36 1.28
C ILE B 110 9.69 -24.87 0.74
N VAL B 111 9.39 -24.66 -0.56
CA VAL B 111 8.00 -24.95 -1.03
C VAL B 111 8.00 -26.17 -1.93
N ASP B 112 7.35 -27.27 -1.53
CA ASP B 112 7.40 -28.54 -2.35
C ASP B 112 8.84 -28.86 -2.80
N GLY B 113 9.78 -28.74 -1.89
CA GLY B 113 11.18 -29.09 -2.11
C GLY B 113 11.97 -27.98 -2.80
N VAL B 114 11.33 -26.90 -3.23
CA VAL B 114 12.07 -25.80 -3.91
C VAL B 114 12.56 -24.76 -2.90
N SER B 115 13.88 -24.55 -2.84
CA SER B 115 14.44 -23.38 -2.16
C SER B 115 14.75 -22.25 -3.12
N TYR B 116 14.92 -21.14 -2.44
CA TYR B 116 15.27 -19.90 -3.12
C TYR B 116 16.55 -19.48 -2.60
N ALA B 117 17.13 -18.44 -3.19
CA ALA B 117 18.46 -17.99 -2.82
C ALA B 117 18.49 -17.33 -1.45
N ALA B 118 17.40 -16.66 -1.16
CA ALA B 118 17.33 -15.87 0.09
C ALA B 118 15.86 -15.62 0.45
N GLU B 119 15.65 -15.06 1.67
CA GLU B 119 14.28 -14.81 2.13
C GLU B 119 14.30 -13.54 3.01
N LEU B 120 13.45 -12.60 2.64
CA LEU B 120 13.24 -11.36 3.35
C LEU B 120 12.11 -11.53 4.38
N HIS B 121 12.33 -11.00 5.61
CA HIS B 121 11.35 -11.07 6.64
C HIS B 121 11.02 -9.69 7.13
N VAL B 122 9.70 -9.42 7.18
CA VAL B 122 9.19 -8.11 7.59
C VAL B 122 8.36 -8.40 8.87
N VAL B 123 8.92 -7.88 9.97
CA VAL B 123 8.43 -8.27 11.30
C VAL B 123 7.47 -7.16 11.84
N HIS B 124 6.28 -7.55 12.29
CA HIS B 124 5.29 -6.60 12.86
C HIS B 124 4.79 -7.13 14.19
N TRP B 125 4.25 -6.23 15.03
CA TRP B 125 3.77 -6.67 16.32
C TRP B 125 2.40 -6.05 16.70
N ASN B 126 1.67 -6.79 17.54
CA ASN B 126 0.27 -6.40 17.81
C ASN B 126 0.21 -5.33 18.84
N SER B 127 0.15 -4.11 18.36
CA SER B 127 0.16 -2.94 19.31
C SER B 127 -1.29 -2.57 19.73
N ASP B 128 -2.27 -3.28 19.19
CA ASP B 128 -3.69 -3.20 19.67
C ASP B 128 -3.80 -3.91 21.04
N LYS B 129 -2.91 -4.87 21.32
CA LYS B 129 -2.97 -5.61 22.57
C LYS B 129 -1.80 -5.49 23.49
N TYR B 130 -0.59 -5.25 22.98
CA TYR B 130 0.57 -5.36 23.78
C TYR B 130 1.31 -4.04 23.77
N PRO B 131 2.03 -3.75 24.83
CA PRO B 131 2.63 -2.43 25.04
C PRO B 131 3.90 -2.21 24.29
N SER B 132 4.51 -3.26 23.82
CA SER B 132 5.83 -3.16 23.19
C SER B 132 6.07 -4.44 22.38
N PHE B 133 6.93 -4.25 21.40
CA PHE B 133 7.44 -5.42 20.67
C PHE B 133 7.98 -6.57 21.58
N VAL B 134 8.78 -6.20 22.58
CA VAL B 134 9.30 -7.18 23.55
C VAL B 134 8.18 -7.99 24.21
N GLU B 135 7.12 -7.32 24.69
CA GLU B 135 6.07 -8.06 25.25
C GLU B 135 5.24 -8.91 24.23
N ALA B 136 4.98 -8.38 23.06
CA ALA B 136 4.20 -9.07 22.08
C ALA B 136 4.92 -10.39 21.63
N ALA B 137 6.21 -10.32 21.66
CA ALA B 137 7.04 -11.46 21.17
C ALA B 137 6.84 -12.71 22.07
N HIS B 138 6.25 -12.54 23.25
CA HIS B 138 5.97 -13.63 24.12
C HIS B 138 4.51 -14.10 24.14
N GLU B 139 3.68 -13.64 23.19
CA GLU B 139 2.28 -13.95 23.18
C GLU B 139 1.94 -14.66 21.90
N PRO B 140 1.05 -15.66 21.87
CA PRO B 140 0.86 -16.41 20.59
C PRO B 140 0.39 -15.57 19.39
N ASP B 141 -0.38 -14.53 19.66
CA ASP B 141 -0.94 -13.61 18.63
C ASP B 141 -0.09 -12.32 18.63
N GLY B 142 1.13 -12.36 19.17
CA GLY B 142 1.88 -11.12 19.33
C GLY B 142 2.45 -10.62 18.02
N LEU B 143 3.08 -11.55 17.26
CA LEU B 143 3.85 -11.14 16.05
C LEU B 143 3.26 -11.60 14.76
N ALA B 144 3.51 -10.81 13.69
CA ALA B 144 3.13 -11.21 12.32
C ALA B 144 4.33 -11.01 11.41
N VAL B 145 4.75 -12.01 10.63
CA VAL B 145 5.97 -11.86 9.85
C VAL B 145 5.62 -12.15 8.45
N LEU B 146 5.94 -11.23 7.53
CA LEU B 146 5.75 -11.50 6.10
C LEU B 146 7.05 -12.07 5.61
N GLY B 147 7.00 -13.15 4.83
CA GLY B 147 8.22 -13.74 4.25
C GLY B 147 8.10 -13.54 2.73
N VAL B 148 9.20 -13.16 2.11
CA VAL B 148 9.25 -12.91 0.67
C VAL B 148 10.50 -13.65 0.22
N PHE B 149 10.30 -14.56 -0.76
CA PHE B 149 11.44 -15.22 -1.34
C PHE B 149 12.22 -14.42 -2.36
N LEU B 150 13.53 -14.63 -2.41
CA LEU B 150 14.36 -13.95 -3.43
C LEU B 150 14.96 -15.07 -4.28
N GLN B 151 14.70 -15.02 -5.57
CA GLN B 151 15.21 -15.96 -6.56
C GLN B 151 16.31 -15.25 -7.34
N ILE B 152 17.34 -16.03 -7.73
CA ILE B 152 18.36 -15.47 -8.65
C ILE B 152 17.68 -15.03 -9.98
N GLY B 153 17.98 -13.80 -10.34
CA GLY B 153 17.28 -13.15 -11.48
C GLY B 153 18.03 -11.89 -11.76
N GLU B 154 17.39 -11.09 -12.57
CA GLU B 154 18.10 -9.88 -12.96
C GLU B 154 18.13 -8.96 -11.78
N PRO B 155 19.13 -8.09 -11.74
CA PRO B 155 19.24 -7.33 -10.49
C PRO B 155 18.01 -6.53 -10.13
N ASN B 156 17.85 -6.35 -8.82
CA ASN B 156 16.67 -5.67 -8.27
C ASN B 156 17.05 -4.30 -7.79
N SER B 157 16.55 -3.31 -8.56
CA SER B 157 16.95 -1.95 -8.23
C SER B 157 16.40 -1.47 -6.90
N GLN B 158 15.41 -2.22 -6.36
CA GLN B 158 14.87 -1.84 -5.08
C GLN B 158 15.72 -2.26 -3.90
N LEU B 159 16.80 -3.00 -4.18
CA LEU B 159 17.66 -3.35 -3.11
C LEU B 159 18.77 -2.31 -2.98
N GLN B 160 18.79 -1.24 -3.79
CA GLN B 160 20.02 -0.40 -3.82
C GLN B 160 20.19 0.35 -2.51
N LYS B 161 19.11 0.87 -1.94
CA LYS B 161 19.31 1.60 -0.72
C LYS B 161 19.93 0.68 0.32
N ILE B 162 19.54 -0.61 0.42
CA ILE B 162 20.22 -1.46 1.36
C ILE B 162 21.71 -1.79 0.99
N THR B 163 21.88 -2.20 -0.21
CA THR B 163 23.22 -2.69 -0.58
C THR B 163 24.26 -1.56 -0.53
N ASP B 164 23.82 -0.30 -0.80
CA ASP B 164 24.73 0.87 -0.66
C ASP B 164 25.29 1.04 0.73
N THR B 165 24.59 0.49 1.75
CA THR B 165 24.98 0.77 3.15
C THR B 165 25.86 -0.32 3.69
N LEU B 166 26.04 -1.43 2.95
CA LEU B 166 26.68 -2.61 3.61
C LEU B 166 28.09 -2.38 4.06
N ASP B 167 28.94 -1.70 3.27
CA ASP B 167 30.28 -1.44 3.81
C ASP B 167 30.28 -0.61 5.10
N SER B 168 29.35 0.33 5.24
CA SER B 168 29.20 1.09 6.49
C SER B 168 28.76 0.29 7.68
N ILE B 169 28.13 -0.88 7.45
CA ILE B 169 27.80 -1.71 8.61
C ILE B 169 28.48 -3.09 8.57
N LYS B 170 29.73 -3.12 8.10
CA LYS B 170 30.40 -4.38 7.94
C LYS B 170 30.55 -5.12 9.24
N GLU B 171 30.92 -4.43 10.31
CA GLU B 171 31.17 -5.10 11.61
C GLU B 171 29.86 -5.18 12.44
N LYS B 172 29.74 -6.21 13.26
CA LYS B 172 28.58 -6.34 14.14
C LYS B 172 28.54 -5.13 15.04
N GLY B 173 27.36 -4.56 15.16
CA GLY B 173 27.14 -3.46 16.09
C GLY B 173 27.10 -2.12 15.39
N LYS B 174 27.65 -2.04 14.16
CA LYS B 174 27.58 -0.80 13.38
C LYS B 174 26.17 -0.48 12.96
N GLN B 175 25.88 0.82 12.85
CA GLN B 175 24.57 1.31 12.39
C GLN B 175 24.67 2.59 11.65
N THR B 176 23.66 2.90 10.83
CA THR B 176 23.67 4.15 10.10
C THR B 176 22.26 4.58 9.95
N ARG B 177 22.10 5.87 9.77
N ARG B 177 22.02 5.88 10.04
CA ARG B 177 20.83 6.46 9.54
CA ARG B 177 20.66 6.39 9.79
C ARG B 177 20.17 5.91 8.28
C ARG B 177 20.18 5.85 8.42
N PHE B 178 18.87 5.56 8.31
CA PHE B 178 18.34 4.93 7.13
C PHE B 178 16.88 5.22 7.11
N THR B 179 16.47 6.21 6.31
CA THR B 179 15.07 6.56 6.27
C THR B 179 14.65 6.76 4.83
N ASN B 180 13.35 7.03 4.61
N ASN B 180 13.34 7.00 4.64
CA ASN B 180 12.80 7.17 3.25
CA ASN B 180 12.78 7.22 3.31
C ASN B 180 13.10 5.87 2.51
C ASN B 180 12.86 5.94 2.50
N PHE B 181 12.68 4.79 3.17
CA PHE B 181 12.88 3.46 2.54
C PHE B 181 11.57 2.96 1.98
N ASP B 182 11.60 2.60 0.70
CA ASP B 182 10.38 2.11 0.03
C ASP B 182 10.31 0.61 0.15
N LEU B 183 9.79 0.19 1.31
CA LEU B 183 9.60 -1.25 1.56
C LEU B 183 8.59 -1.85 0.66
N LEU B 184 7.52 -1.11 0.39
CA LEU B 184 6.42 -1.66 -0.30
C LEU B 184 6.88 -2.12 -1.67
N SER B 185 7.86 -1.46 -2.30
CA SER B 185 8.31 -1.85 -3.63
C SER B 185 9.23 -3.04 -3.68
N LEU B 186 9.60 -3.58 -2.52
CA LEU B 186 10.38 -4.78 -2.41
C LEU B 186 9.46 -5.95 -2.42
N LEU B 187 8.19 -5.76 -2.12
CA LEU B 187 7.21 -6.88 -2.26
C LEU B 187 6.87 -7.23 -3.70
N PRO B 188 6.48 -8.48 -3.97
CA PRO B 188 6.17 -8.86 -5.32
C PRO B 188 4.79 -8.33 -5.73
N PRO B 189 4.50 -8.33 -7.03
N PRO B 189 4.46 -8.42 -7.03
CA PRO B 189 3.19 -7.81 -7.43
CA PRO B 189 3.17 -7.84 -7.48
C PRO B 189 2.00 -8.58 -6.82
C PRO B 189 1.94 -8.62 -6.97
N SER B 190 2.09 -9.92 -6.77
CA SER B 190 1.00 -10.72 -6.20
C SER B 190 1.32 -10.97 -4.76
N TRP B 191 0.33 -10.71 -3.92
CA TRP B 191 0.45 -10.93 -2.48
C TRP B 191 -0.24 -12.19 -2.07
N ASP B 192 -0.49 -13.13 -2.99
CA ASP B 192 -0.99 -14.48 -2.57
C ASP B 192 -0.01 -15.09 -1.57
N TYR B 193 -0.58 -15.76 -0.59
CA TYR B 193 0.32 -16.23 0.53
C TYR B 193 -0.15 -17.50 1.17
N TRP B 194 0.75 -18.13 1.89
CA TRP B 194 0.39 -19.17 2.85
C TRP B 194 0.53 -18.63 4.24
N THR B 195 -0.26 -19.18 5.16
CA THR B 195 -0.21 -18.74 6.55
C THR B 195 -0.29 -19.94 7.46
N TYR B 196 0.44 -19.84 8.58
CA TYR B 196 0.47 -20.88 9.63
C TYR B 196 1.02 -20.30 10.89
N PRO B 197 0.76 -20.89 12.04
CA PRO B 197 1.29 -20.40 13.35
C PRO B 197 2.69 -20.98 13.58
N GLY B 198 3.65 -20.10 13.87
CA GLY B 198 5.04 -20.60 14.03
C GLY B 198 5.81 -19.72 14.99
N SER B 199 7.05 -19.59 14.67
CA SER B 199 8.01 -19.05 15.60
C SER B 199 8.97 -18.02 14.98
N LEU B 200 9.69 -17.34 15.86
CA LEU B 200 10.89 -16.61 15.42
C LEU B 200 11.80 -17.72 14.84
N THR B 201 12.59 -17.36 13.82
CA THR B 201 13.53 -18.36 13.27
C THR B 201 14.92 -18.15 13.80
N VAL B 202 15.07 -17.26 14.77
CA VAL B 202 16.31 -17.11 15.51
C VAL B 202 16.05 -17.18 17.00
N PRO B 203 17.03 -17.62 17.78
CA PRO B 203 16.84 -17.49 19.24
C PRO B 203 16.35 -16.13 19.58
N PRO B 204 15.35 -16.04 20.47
CA PRO B 204 14.90 -17.12 21.35
C PRO B 204 13.82 -18.08 20.81
N LEU B 205 13.50 -17.98 19.51
CA LEU B 205 12.72 -19.04 18.88
C LEU B 205 11.26 -19.07 19.43
N LEU B 206 10.78 -17.95 19.93
CA LEU B 206 9.45 -17.87 20.57
C LEU B 206 8.33 -18.17 19.65
N GLU B 207 7.35 -18.92 20.17
CA GLU B 207 6.21 -19.31 19.34
C GLU B 207 5.12 -18.29 19.39
N SER B 208 5.36 -17.14 18.72
CA SER B 208 4.47 -16.00 18.80
C SER B 208 4.19 -15.46 17.43
N VAL B 209 4.47 -16.20 16.37
CA VAL B 209 4.41 -15.60 15.02
C VAL B 209 3.31 -16.20 14.20
N THR B 210 2.50 -15.33 13.59
CA THR B 210 1.58 -15.71 12.55
C THR B 210 2.32 -15.46 11.26
N TRP B 211 2.77 -16.52 10.57
CA TRP B 211 3.58 -16.36 9.33
C TRP B 211 2.71 -16.13 8.18
N ILE B 212 3.09 -15.19 7.32
CA ILE B 212 2.37 -14.89 6.06
C ILE B 212 3.49 -15.00 4.99
N VAL B 213 3.54 -16.09 4.25
CA VAL B 213 4.71 -16.37 3.38
C VAL B 213 4.16 -16.18 1.99
N LEU B 214 4.69 -15.17 1.29
CA LEU B 214 4.17 -14.85 -0.06
C LEU B 214 4.71 -15.89 -1.09
N LYS B 215 3.84 -16.29 -1.96
CA LYS B 215 4.15 -17.32 -3.00
C LYS B 215 5.11 -16.79 -4.01
N GLN B 216 4.93 -15.53 -4.46
CA GLN B 216 5.72 -15.11 -5.65
C GLN B 216 7.08 -14.52 -5.17
N PRO B 217 8.19 -15.03 -5.68
CA PRO B 217 9.49 -14.45 -5.38
C PRO B 217 9.74 -13.13 -6.04
N ILE B 218 10.64 -12.38 -5.46
CA ILE B 218 11.24 -11.23 -6.15
C ILE B 218 12.64 -11.63 -6.61
N ASN B 219 13.26 -10.79 -7.44
CA ASN B 219 14.55 -11.18 -8.00
C ASN B 219 15.69 -10.58 -7.21
N ILE B 220 16.86 -11.25 -7.27
CA ILE B 220 18.08 -10.64 -6.81
C ILE B 220 19.21 -11.19 -7.70
N SER B 221 20.23 -10.38 -8.03
CA SER B 221 21.29 -11.00 -8.88
C SER B 221 22.28 -11.66 -7.95
N SER B 222 23.10 -12.60 -8.42
N SER B 222 23.08 -12.47 -8.67
CA SER B 222 24.13 -13.18 -7.45
CA SER B 222 24.22 -13.14 -8.04
C SER B 222 25.26 -12.13 -7.09
C SER B 222 25.10 -12.17 -7.25
N GLN B 223 25.50 -11.13 -7.99
CA GLN B 223 26.38 -10.14 -7.53
C GLN B 223 25.83 -9.35 -6.36
N GLN B 224 24.54 -9.08 -6.43
CA GLN B 224 23.90 -8.38 -5.24
C GLN B 224 23.93 -9.25 -4.01
N LEU B 225 23.54 -10.51 -4.20
CA LEU B 225 23.44 -11.40 -3.00
C LEU B 225 24.82 -11.59 -2.35
N ALA B 226 25.87 -11.70 -3.16
CA ALA B 226 27.17 -11.88 -2.62
C ALA B 226 27.62 -10.75 -1.69
N LYS B 227 27.13 -9.57 -1.93
CA LYS B 227 27.46 -8.47 -1.02
C LYS B 227 27.04 -8.69 0.43
N PHE B 228 25.90 -9.38 0.63
CA PHE B 228 25.48 -9.61 2.01
C PHE B 228 26.40 -10.55 2.72
N ARG B 229 27.01 -11.47 1.94
CA ARG B 229 27.93 -12.45 2.58
C ARG B 229 29.23 -11.83 3.00
N SER B 230 29.45 -10.57 2.61
CA SER B 230 30.59 -9.83 3.11
C SER B 230 30.40 -9.09 4.48
N LEU B 231 29.15 -9.11 5.00
CA LEU B 231 28.98 -8.64 6.36
C LEU B 231 29.73 -9.56 7.33
N LEU B 232 30.16 -9.03 8.47
CA LEU B 232 30.76 -9.88 9.50
C LEU B 232 29.75 -10.28 10.55
N CYS B 233 29.98 -11.42 11.17
CA CYS B 233 29.24 -11.82 12.36
C CYS B 233 29.95 -11.43 13.64
N THR B 234 31.01 -10.66 13.47
CA THR B 234 31.91 -10.29 14.57
C THR B 234 32.04 -8.78 14.65
N ALA B 235 32.34 -8.32 15.83
CA ALA B 235 32.46 -6.90 16.09
C ALA B 235 33.92 -6.37 15.91
N GLU B 236 34.04 -5.06 15.79
CA GLU B 236 35.32 -4.37 15.69
C GLU B 236 36.23 -4.93 16.81
N GLY B 237 37.46 -5.32 16.44
CA GLY B 237 38.40 -5.93 17.42
C GLY B 237 37.99 -7.29 18.01
N GLU B 238 37.13 -8.02 17.31
CA GLU B 238 36.92 -9.44 17.56
C GLU B 238 37.53 -10.13 16.31
N ALA B 239 38.11 -11.34 16.43
CA ALA B 239 38.64 -12.07 15.25
C ALA B 239 37.59 -12.21 14.12
N ALA B 240 37.83 -11.61 12.99
CA ALA B 240 36.85 -11.50 11.86
C ALA B 240 36.32 -12.85 11.37
N ALA B 241 35.00 -12.92 11.14
CA ALA B 241 34.33 -14.07 10.57
C ALA B 241 33.18 -13.51 9.78
N PHE B 242 33.02 -14.06 8.59
CA PHE B 242 31.96 -13.63 7.69
C PHE B 242 30.65 -14.27 7.91
N LEU B 243 29.63 -13.43 7.69
CA LEU B 243 28.22 -13.97 7.80
C LEU B 243 27.82 -14.60 6.42
N VAL B 244 28.47 -15.71 6.01
CA VAL B 244 28.20 -16.31 4.70
C VAL B 244 26.89 -16.99 4.61
N SER B 245 26.31 -17.41 5.74
CA SER B 245 25.06 -18.16 5.68
C SER B 245 24.32 -17.86 6.99
N ASN B 246 23.01 -17.62 6.89
CA ASN B 246 22.28 -17.24 8.12
C ASN B 246 20.86 -17.73 8.08
N HIS B 247 20.66 -18.94 7.62
CA HIS B 247 19.25 -19.48 7.53
C HIS B 247 19.14 -20.69 8.38
N ARG B 248 17.97 -20.78 9.01
CA ARG B 248 17.69 -21.99 9.85
C ARG B 248 17.00 -22.97 8.92
N PRO B 249 17.27 -24.30 9.03
CA PRO B 249 16.51 -25.29 8.25
C PRO B 249 15.07 -25.39 8.71
N PRO B 250 14.18 -25.83 7.81
CA PRO B 250 12.80 -26.07 8.10
C PRO B 250 12.68 -27.12 9.22
N GLN B 251 11.72 -26.89 10.10
CA GLN B 251 11.44 -27.75 11.26
C GLN B 251 10.10 -28.47 10.92
N PRO B 252 9.85 -29.58 11.60
CA PRO B 252 8.64 -30.33 11.28
C PRO B 252 7.31 -29.66 11.64
N LEU B 253 6.28 -29.94 10.87
CA LEU B 253 4.94 -29.35 11.13
C LEU B 253 4.30 -29.72 12.43
N LYS B 254 4.50 -30.97 12.79
CA LYS B 254 3.94 -31.48 14.07
C LYS B 254 2.43 -31.27 14.19
N GLY B 255 1.73 -31.50 13.10
CA GLY B 255 0.29 -31.47 13.09
C GLY B 255 -0.31 -30.15 12.70
N ARG B 256 0.50 -29.09 12.50
CA ARG B 256 -0.07 -27.82 12.07
C ARG B 256 -0.49 -27.89 10.63
N LYS B 257 -1.51 -27.14 10.31
CA LYS B 257 -1.97 -27.10 8.94
C LYS B 257 -1.68 -25.72 8.34
N VAL B 258 -1.32 -25.75 7.10
CA VAL B 258 -0.91 -24.48 6.45
C VAL B 258 -2.10 -24.10 5.58
N ARG B 259 -2.49 -22.83 5.61
CA ARG B 259 -3.66 -22.34 4.83
C ARG B 259 -3.20 -21.48 3.67
N ALA B 260 -3.95 -21.49 2.57
CA ALA B 260 -3.61 -20.64 1.42
C ALA B 260 -4.64 -19.55 1.28
N SER B 261 -4.20 -18.38 0.84
CA SER B 261 -5.06 -17.28 0.67
C SER B 261 -5.72 -17.29 -0.74
N PHE B 262 -5.33 -18.28 -1.56
CA PHE B 262 -5.64 -18.23 -3.02
C PHE B 262 -6.03 -19.66 -3.42
N HIS B 263 -6.78 -19.77 -4.53
CA HIS B 263 -7.33 -21.07 -5.00
C HIS B 263 -6.35 -21.67 -5.91
ZN ZN C . -13.72 13.72 -10.17
C1 CIT D . -27.44 20.05 -5.93
O1 CIT D . -28.04 21.14 -5.76
O2 CIT D . -26.69 19.57 -5.06
C2 CIT D . -27.74 19.32 -7.22
C3 CIT D . -28.89 18.32 -6.91
O7 CIT D . -29.61 18.74 -5.73
C4 CIT D . -29.91 18.04 -8.03
C5 CIT D . -30.90 16.90 -7.70
O3 CIT D . -30.81 16.24 -6.62
O4 CIT D . -31.80 16.65 -8.53
C6 CIT D . -28.24 17.01 -6.58
O5 CIT D . -27.78 16.91 -5.39
O6 CIT D . -28.18 16.11 -7.47
C1 CIT E . -8.30 20.13 -14.17
O1 CIT E . -9.54 20.13 -14.38
O2 CIT E . -7.79 19.69 -13.10
C2 CIT E . -7.41 20.66 -15.28
C3 CIT E . -5.95 20.22 -15.13
O7 CIT E . -5.42 20.62 -13.83
C4 CIT E . -5.81 18.69 -15.27
C5 CIT E . -4.39 18.20 -15.04
O3 CIT E . -4.20 17.25 -14.21
O4 CIT E . -3.47 18.74 -15.71
C6 CIT E . -5.20 20.98 -16.23
O5 CIT E . -4.15 21.62 -15.88
O6 CIT E . -5.68 20.98 -17.41
F18 3TV F . -10.53 17.11 -14.03
F18 3TV F . -11.12 17.26 -13.82
C7 3TV F . -10.44 15.73 -13.99
C7 3TV F . -10.75 15.93 -13.83
C6 3TV F . -11.39 14.98 -13.27
C6 3TV F . -11.68 15.02 -13.31
F17 3TV F . -12.40 15.63 -12.61
F17 3TV F . -12.89 15.47 -12.83
C8 3TV F . -9.39 15.08 -14.69
C8 3TV F . -9.51 15.47 -14.33
S11 3TV F . -8.13 15.95 -15.65
S11 3TV F . -8.27 16.58 -15.00
C12 3TV F . -8.20 14.83 -17.10
C12 3TV F . -9.34 17.40 -16.21
C13 3TV F . -8.47 15.58 -18.40
C13 3TV F . -9.64 16.38 -17.32
C14 3TV F . -7.91 14.87 -19.62
C14 3TV F . -8.39 15.56 -17.62
C9 3TV F . -9.30 13.71 -14.61
C9 3TV F . -9.21 14.10 -14.27
F15 3TV F . -8.30 13.07 -15.26
F15 3TV F . -8.04 13.62 -14.71
C10 3TV F . -10.24 12.96 -13.90
C10 3TV F . -10.13 13.20 -13.76
F16 3TV F . -10.16 11.62 -13.85
F16 3TV F . -9.81 11.89 -13.72
C5 3TV F . -11.28 13.57 -13.21
C5 3TV F . -11.38 13.65 -13.29
S1 3TV F . -12.38 12.43 -12.32
S1 3TV F . -12.60 12.54 -12.62
O3 3TV F . -11.62 11.53 -11.35
O3 3TV F . -12.14 11.96 -11.29
O4 3TV F . -13.00 11.59 -13.43
O4 3TV F . -12.90 11.38 -13.51
N2 3TV F . -13.75 13.22 -11.52
N2 3TV F . -14.06 13.51 -12.32
ZN ZN G . 14.03 -13.84 9.77
C1 CIT H . 22.11 -26.53 6.39
O1 CIT H . 21.00 -26.10 5.92
O2 CIT H . 22.19 -27.60 7.09
C2 CIT H . 23.38 -25.69 6.18
C3 CIT H . 23.58 -25.04 4.77
O7 CIT H . 22.32 -25.03 4.06
C4 CIT H . 24.25 -23.66 4.95
C5 CIT H . 24.62 -23.02 3.63
O3 CIT H . 23.72 -22.43 3.03
O4 CIT H . 25.78 -23.16 3.15
C6 CIT H . 24.57 -25.88 4.00
O5 CIT H . 25.58 -26.28 4.60
O6 CIT H . 24.39 -26.13 2.78
F18 3TV I . 16.05 -11.18 14.55
C7 3TV I . 14.71 -11.41 14.44
C6 3TV I . 14.31 -12.42 13.58
F17 3TV I . 15.33 -13.01 12.89
C8 3TV I . 13.76 -10.72 15.20
S11 3TV I . 14.28 -9.42 16.35
C12 3TV I . 15.35 -10.41 17.51
C13 3TV I . 14.69 -11.67 18.06
C14 3TV I . 13.62 -11.28 19.07
C9 3TV I . 12.42 -11.01 14.98
F15 3TV I . 11.44 -10.37 15.66
C10 3TV I . 12.01 -11.98 14.08
F16 3TV I . 10.69 -12.25 13.85
C5 3TV I . 12.97 -12.68 13.39
S1 3TV I . 12.37 -13.95 12.27
O3 3TV I . 11.63 -13.20 11.22
O4 3TV I . 11.51 -15.01 12.86
N2 3TV I . 13.83 -14.68 11.46
#